data_8AFN
#
_entry.id   8AFN
#
_cell.length_a   81.742
_cell.length_b   111.898
_cell.length_c   62.555
_cell.angle_alpha   90.000
_cell.angle_beta   90.000
_cell.angle_gamma   90.000
#
_symmetry.space_group_name_H-M   'C 2 2 21'
#
loop_
_entity.id
_entity.type
_entity.pdbx_description
1 polymer '14-3-3 protein sigma'
2 polymer 'Estrogen receptor'
3 non-polymer 'MAGNESIUM ION'
4 non-polymer 1-[2-(4-chloranylphenoxy)-2-methyl-propanoyl]-~{N}-[2-[2-(dimethylamino)ethyldisulfanyl]ethyl]piperidine-4-carboxamide
5 water water
#
loop_
_entity_poly.entity_id
_entity_poly.type
_entity_poly.pdbx_seq_one_letter_code
_entity_poly.pdbx_strand_id
1 'polypeptide(L)'
;GAMGSMERASLIQKAKLAEQAERYEDMAAFMKGAVEKGEELSCEERNLLSVAYKNVVGGQRAAWRVLSSIEQKSNEEGSE
EKGPEVREYREKVETELQGVCDTVLGLLDSHLIKEAGDAESRVFYLKMKGDYYRYLAEVATGDDKKRIIDSARSAYQEAM
DISKKEMPPTNPIRLGLALNFSVFHYEIANSPEEAISLAKTTFDEAMADLHTLSEDSYKDSTLIMQLLRDNLTLWT
;
A
2 'polypeptide(L)' FPA(TPO)V B
#
loop_
_chem_comp.id
_chem_comp.type
_chem_comp.name
_chem_comp.formula
MG non-polymer 'MAGNESIUM ION' 'Mg 2'
O6C non-polymer 1-[2-(4-chloranylphenoxy)-2-methyl-propanoyl]-~{N}-[2-[2-(dimethylamino)ethyldisulfanyl]ethyl]piperidine-4-carboxamide 'C22 H34 Cl N3 O3 S2'
#
# COMPACT_ATOMS: atom_id res chain seq x y z
N GLY A 1 13.50 -14.33 15.53
CA GLY A 1 12.05 -14.09 15.32
C GLY A 1 11.23 -15.05 16.14
N ALA A 2 10.19 -14.52 16.79
CA ALA A 2 9.30 -15.35 17.60
C ALA A 2 8.64 -16.45 16.78
N MET A 3 8.56 -16.28 15.46
CA MET A 3 7.95 -17.29 14.60
C MET A 3 8.96 -18.28 14.01
N GLY A 4 10.23 -18.20 14.42
CA GLY A 4 11.26 -19.04 13.83
C GLY A 4 11.07 -20.51 14.06
N SER A 5 10.38 -20.89 15.14
CA SER A 5 10.17 -22.30 15.43
C SER A 5 8.90 -22.87 14.80
N MET A 6 8.07 -22.08 14.17
CA MET A 6 6.83 -22.57 13.60
C MET A 6 7.02 -22.89 12.12
N GLU A 7 6.43 -24.00 11.67
CA GLU A 7 6.51 -24.40 10.27
C GLU A 7 5.93 -23.34 9.37
N ARG A 8 6.52 -23.18 8.19
CA ARG A 8 6.00 -22.26 7.19
C ARG A 8 4.52 -22.52 6.92
N ALA A 9 4.14 -23.78 6.71
CA ALA A 9 2.75 -24.06 6.34
C ALA A 9 1.82 -23.72 7.49
N SER A 10 2.27 -23.92 8.73
CA SER A 10 1.46 -23.56 9.89
C SER A 10 1.30 -22.06 10.02
N LEU A 11 2.34 -21.28 9.73
CA LEU A 11 2.22 -19.83 9.73
C LEU A 11 1.20 -19.35 8.70
N ILE A 12 1.21 -19.94 7.49
CA ILE A 12 0.24 -19.57 6.47
C ILE A 12 -1.17 -19.94 6.91
N GLN A 13 -1.34 -21.14 7.47
CA GLN A 13 -2.64 -21.57 7.96
C GLN A 13 -3.15 -20.63 9.04
N LYS A 14 -2.28 -20.25 9.99
CA LYS A 14 -2.70 -19.32 11.03
C LYS A 14 -2.95 -17.92 10.50
N ALA A 15 -2.22 -17.47 9.48
CA ALA A 15 -2.55 -16.19 8.87
C ALA A 15 -3.98 -16.18 8.33
N LYS A 16 -4.40 -17.30 7.73
CA LYS A 16 -5.76 -17.37 7.19
C LYS A 16 -6.78 -17.37 8.30
N LEU A 17 -6.47 -18.04 9.41
CA LEU A 17 -7.36 -18.02 10.57
C LEU A 17 -7.46 -16.62 11.15
N ALA A 18 -6.31 -15.96 11.28
CA ALA A 18 -6.29 -14.61 11.82
C ALA A 18 -7.12 -13.68 10.94
N GLU A 19 -7.03 -13.83 9.62
CA GLU A 19 -7.86 -13.02 8.73
C GLU A 19 -9.34 -13.24 9.03
N GLN A 20 -9.74 -14.50 9.17
CA GLN A 20 -11.14 -14.84 9.44
C GLN A 20 -11.60 -14.21 10.75
N ALA A 21 -10.72 -14.13 11.73
CA ALA A 21 -11.01 -13.55 13.04
C ALA A 21 -10.77 -12.06 13.09
N GLU A 22 -10.37 -11.45 11.96
CA GLU A 22 -10.07 -10.01 11.91
C GLU A 22 -8.99 -9.60 12.91
N ARG A 23 -7.99 -10.46 13.07
CA ARG A 23 -6.85 -10.24 13.94
C ARG A 23 -5.68 -9.92 13.04
N TYR A 24 -5.66 -8.69 12.52
CA TYR A 24 -4.72 -8.37 11.46
C TYR A 24 -3.30 -8.21 11.95
N GLU A 25 -3.10 -7.76 13.20
CA GLU A 25 -1.75 -7.73 13.74
C GLU A 25 -1.17 -9.13 13.80
N ASP A 26 -1.94 -10.08 14.30
CA ASP A 26 -1.48 -11.47 14.31
C ASP A 26 -1.21 -11.94 12.89
N MET A 27 -2.13 -11.62 11.98
CA MET A 27 -1.99 -12.08 10.60
C MET A 27 -0.66 -11.58 10.03
N ALA A 28 -0.35 -10.30 10.28
CA ALA A 28 0.91 -9.75 9.79
C ALA A 28 2.11 -10.42 10.43
N ALA A 29 2.04 -10.70 11.73
CA ALA A 29 3.16 -11.37 12.39
C ALA A 29 3.38 -12.76 11.82
N PHE A 30 2.31 -13.50 11.54
CA PHE A 30 2.46 -14.82 10.93
C PHE A 30 3.08 -14.72 9.55
N MET A 31 2.62 -13.75 8.75
CA MET A 31 3.15 -13.64 7.39
C MET A 31 4.59 -13.13 7.38
N LYS A 32 4.97 -12.25 8.29
CA LYS A 32 6.38 -11.91 8.45
C LYS A 32 7.20 -13.18 8.74
N GLY A 33 6.71 -14.01 9.66
CA GLY A 33 7.40 -15.27 9.92
C GLY A 33 7.52 -16.13 8.68
N ALA A 34 6.45 -16.21 7.89
CA ALA A 34 6.50 -17.01 6.66
C ALA A 34 7.53 -16.44 5.69
N VAL A 35 7.53 -15.13 5.50
CA VAL A 35 8.50 -14.53 4.59
C VAL A 35 9.91 -14.86 5.06
N GLU A 36 10.15 -14.78 6.37
CA GLU A 36 11.48 -14.98 6.90
C GLU A 36 11.96 -16.42 6.79
N LYS A 37 11.10 -17.35 6.38
CA LYS A 37 11.57 -18.68 6.07
C LYS A 37 12.48 -18.68 4.84
N GLY A 38 12.40 -17.65 4.01
CA GLY A 38 13.36 -17.47 2.94
C GLY A 38 12.91 -17.93 1.56
N GLU A 39 11.78 -18.59 1.46
CA GLU A 39 11.26 -19.05 0.18
C GLU A 39 10.35 -17.99 -0.43
N GLU A 40 10.27 -18.01 -1.76
CA GLU A 40 9.34 -17.16 -2.50
C GLU A 40 7.92 -17.42 -2.03
N LEU A 41 7.06 -16.44 -2.25
CA LEU A 41 5.65 -16.52 -1.91
C LEU A 41 4.83 -16.77 -3.16
N SER A 42 3.87 -17.67 -3.05
CA SER A 42 2.87 -17.85 -4.08
C SER A 42 1.94 -16.66 -4.17
N CYS A 43 1.08 -16.65 -5.19
CA CYS A 43 0.12 -15.56 -5.34
C CYS A 43 -0.75 -15.44 -4.10
N GLU A 44 -1.33 -16.55 -3.63
CA GLU A 44 -2.18 -16.49 -2.44
C GLU A 44 -1.41 -15.96 -1.24
N GLU A 45 -0.16 -16.37 -1.08
CA GLU A 45 0.64 -15.93 0.06
C GLU A 45 0.97 -14.45 -0.04
N ARG A 46 1.24 -13.96 -1.26
CA ARG A 46 1.46 -12.54 -1.43
C ARG A 46 0.23 -11.74 -1.02
N ASN A 47 -0.95 -12.20 -1.41
CA ASN A 47 -2.19 -11.57 -0.98
C ASN A 47 -2.29 -11.55 0.54
N LEU A 48 -1.98 -12.66 1.21
CA LEU A 48 -2.10 -12.66 2.66
C LEU A 48 -1.16 -11.64 3.28
N LEU A 49 0.07 -11.56 2.78
CA LEU A 49 1.03 -10.60 3.31
C LEU A 49 0.50 -9.18 3.16
N SER A 50 0.02 -8.85 1.95
CA SER A 50 -0.42 -7.49 1.69
C SER A 50 -1.68 -7.15 2.46
N VAL A 51 -2.65 -8.07 2.51
CA VAL A 51 -3.87 -7.81 3.27
C VAL A 51 -3.54 -7.53 4.72
N ALA A 52 -2.66 -8.31 5.31
CA ALA A 52 -2.36 -8.17 6.72
C ALA A 52 -1.81 -6.78 7.01
N TYR A 53 -0.73 -6.42 6.32
CA TYR A 53 -0.08 -5.15 6.60
C TYR A 53 -0.94 -3.97 6.15
N LYS A 54 -1.74 -4.13 5.09
CA LYS A 54 -2.58 -3.02 4.65
C LYS A 54 -3.56 -2.65 5.74
N ASN A 55 -4.11 -3.67 6.40
CA ASN A 55 -5.09 -3.45 7.45
C ASN A 55 -4.42 -2.87 8.69
N VAL A 56 -3.25 -3.37 9.08
CA VAL A 56 -2.57 -2.82 10.24
C VAL A 56 -2.26 -1.35 10.01
N VAL A 57 -1.58 -1.04 8.91
CA VAL A 57 -1.16 0.34 8.67
C VAL A 57 -2.37 1.20 8.37
N GLY A 58 -3.42 0.65 7.76
CA GLY A 58 -4.62 1.43 7.52
C GLY A 58 -5.23 1.93 8.81
N GLY A 59 -5.28 1.08 9.83
CA GLY A 59 -5.79 1.50 11.11
C GLY A 59 -4.91 2.56 11.74
N GLN A 60 -3.59 2.39 11.62
CA GLN A 60 -2.67 3.40 12.15
C GLN A 60 -2.86 4.74 11.45
N ARG A 61 -3.01 4.70 10.12
CA ARG A 61 -3.19 5.94 9.38
C ARG A 61 -4.48 6.63 9.79
N ALA A 62 -5.55 5.88 9.96
CA ALA A 62 -6.81 6.49 10.37
C ALA A 62 -6.63 7.16 11.72
N ALA A 63 -5.94 6.49 12.63
CA ALA A 63 -5.73 7.07 13.97
C ALA A 63 -4.85 8.30 13.90
N TRP A 64 -3.77 8.24 13.11
CA TRP A 64 -2.88 9.38 12.96
C TRP A 64 -3.62 10.60 12.42
N ARG A 65 -4.55 10.37 11.48
CA ARG A 65 -5.31 11.48 10.92
C ARG A 65 -6.22 12.12 11.96
N VAL A 66 -6.88 11.31 12.78
CA VAL A 66 -7.71 11.85 13.85
C VAL A 66 -6.85 12.71 14.77
N LEU A 67 -5.71 12.18 15.19
CA LEU A 67 -4.86 12.89 16.14
C LEU A 67 -4.23 14.13 15.52
N SER A 68 -3.77 14.03 14.27
CA SER A 68 -3.24 15.19 13.57
C SER A 68 -4.28 16.30 13.47
N SER A 69 -5.53 15.96 13.20
CA SER A 69 -6.56 16.98 13.10
C SER A 69 -6.75 17.67 14.45
N ILE A 70 -6.81 16.89 15.54
CA ILE A 70 -6.95 17.50 16.86
C ILE A 70 -5.77 18.44 17.13
N GLU A 71 -4.57 17.99 16.78
CA GLU A 71 -3.37 18.77 17.02
C GLU A 71 -3.37 20.05 16.21
N GLN A 72 -3.79 19.97 14.93
CA GLN A 72 -3.86 21.16 14.11
C GLN A 72 -4.87 22.15 14.70
N LYS A 73 -6.00 21.63 15.15
CA LYS A 73 -7.01 22.48 15.78
C LYS A 73 -6.46 23.17 17.03
N SER A 74 -5.68 22.43 17.82
CA SER A 74 -5.11 22.99 19.04
C SER A 74 -4.08 24.09 18.80
N ASN A 75 -3.52 24.15 17.59
CA ASN A 75 -2.53 25.16 17.23
C ASN A 75 -3.12 26.33 16.45
N GLU A 76 -4.46 26.47 16.43
CA GLU A 76 -5.10 27.61 15.81
C GLU A 76 -5.17 28.78 16.78
N GLU A 77 -5.22 29.99 16.23
CA GLU A 77 -5.40 31.19 17.05
C GLU A 77 -6.74 31.11 17.77
N GLY A 78 -6.71 31.38 19.08
CA GLY A 78 -7.89 31.30 19.92
C GLY A 78 -8.00 30.02 20.71
N SER A 79 -7.22 29.00 20.36
CA SER A 79 -7.24 27.73 21.07
C SER A 79 -6.51 27.86 22.40
N GLU A 80 -7.08 27.23 23.43
CA GLU A 80 -6.46 27.23 24.75
C GLU A 80 -5.39 26.15 24.82
N GLU A 81 -4.26 26.49 25.43
CA GLU A 81 -3.11 25.59 25.52
C GLU A 81 -3.46 24.35 26.34
N LYS A 82 -3.30 23.17 25.73
CA LYS A 82 -3.64 21.91 26.39
C LYS A 82 -2.41 21.11 26.79
N GLY A 83 -1.20 21.64 26.58
CA GLY A 83 0.01 20.95 26.93
C GLY A 83 0.53 20.07 25.81
N PRO A 84 1.55 19.26 26.12
CA PRO A 84 2.24 18.46 25.10
C PRO A 84 1.55 17.16 24.72
N GLU A 85 0.40 16.84 25.32
CA GLU A 85 -0.11 15.49 25.24
C GLU A 85 -0.57 15.10 23.84
N VAL A 86 -1.24 16.01 23.13
CA VAL A 86 -1.74 15.67 21.80
C VAL A 86 -0.57 15.38 20.88
N ARG A 87 0.42 16.27 20.87
CA ARG A 87 1.63 16.04 20.09
C ARG A 87 2.28 14.72 20.47
N GLU A 88 2.44 14.47 21.76
CA GLU A 88 3.12 13.26 22.20
C GLU A 88 2.41 12.01 21.70
N TYR A 89 1.09 12.00 21.80
CA TYR A 89 0.36 10.79 21.42
C TYR A 89 0.30 10.65 19.90
N ARG A 90 0.16 11.75 19.17
CA ARG A 90 0.31 11.68 17.72
C ARG A 90 1.68 11.15 17.35
N GLU A 91 2.73 11.60 18.02
CA GLU A 91 4.07 11.11 17.76
C GLU A 91 4.19 9.62 18.06
N LYS A 92 3.56 9.15 19.14
CA LYS A 92 3.58 7.73 19.48
C LYS A 92 3.00 6.91 18.34
N VAL A 93 1.81 7.29 17.89
CA VAL A 93 1.16 6.54 16.81
C VAL A 93 2.00 6.64 15.55
N GLU A 94 2.53 7.82 15.25
CA GLU A 94 3.38 8.01 14.09
C GLU A 94 4.58 7.08 14.12
N THR A 95 5.24 6.97 15.27
CA THR A 95 6.43 6.14 15.36
C THR A 95 6.07 4.67 15.18
N GLU A 96 4.92 4.27 15.69
CA GLU A 96 4.48 2.89 15.50
C GLU A 96 4.18 2.61 14.03
N LEU A 97 3.50 3.55 13.37
CA LEU A 97 3.26 3.47 11.92
C LEU A 97 4.57 3.37 11.15
N GLN A 98 5.52 4.25 11.45
CA GLN A 98 6.81 4.20 10.76
C GLN A 98 7.48 2.86 10.97
N GLY A 99 7.34 2.30 12.16
CA GLY A 99 7.95 1.01 12.44
C GLY A 99 7.35 -0.10 11.60
N VAL A 100 6.04 -0.09 11.43
CA VAL A 100 5.38 -1.09 10.57
C VAL A 100 5.82 -0.93 9.13
N CYS A 101 5.85 0.32 8.63
CA CYS A 101 6.31 0.54 7.27
C CYS A 101 7.76 0.07 7.09
N ASP A 102 8.63 0.37 8.04
CA ASP A 102 10.02 -0.07 7.94
C ASP A 102 10.10 -1.58 7.94
N THR A 103 9.25 -2.23 8.73
CA THR A 103 9.24 -3.70 8.76
C THR A 103 8.86 -4.26 7.39
N VAL A 104 7.80 -3.73 6.79
CA VAL A 104 7.38 -4.23 5.48
C VAL A 104 8.46 -3.96 4.45
N LEU A 105 8.99 -2.73 4.43
CA LEU A 105 10.05 -2.41 3.47
C LEU A 105 11.26 -3.31 3.68
N GLY A 106 11.55 -3.69 4.92
CA GLY A 106 12.66 -4.58 5.15
C GLY A 106 12.43 -5.97 4.59
N LEU A 107 11.20 -6.47 4.70
CA LEU A 107 10.89 -7.76 4.10
C LEU A 107 11.02 -7.70 2.59
N LEU A 108 10.55 -6.62 1.99
CA LEU A 108 10.66 -6.48 0.54
C LEU A 108 12.12 -6.42 0.11
N ASP A 109 12.96 -5.74 0.89
CA ASP A 109 14.38 -5.60 0.57
C ASP A 109 15.19 -6.84 0.95
N SER A 110 14.67 -7.71 1.80
CA SER A 110 15.44 -8.85 2.31
C SER A 110 14.51 -10.07 2.42
N HIS A 111 14.22 -10.73 1.30
CA HIS A 111 14.81 -10.51 -0.01
C HIS A 111 13.73 -10.72 -1.08
N LEU A 112 12.50 -10.28 -0.79
CA LEU A 112 11.40 -10.62 -1.68
C LEU A 112 11.58 -10.06 -3.09
N ILE A 113 11.95 -8.79 -3.20
CA ILE A 113 12.05 -8.17 -4.53
C ILE A 113 13.13 -8.84 -5.35
N LYS A 114 14.32 -9.02 -4.77
CA LYS A 114 15.45 -9.51 -5.55
C LYS A 114 15.21 -10.93 -6.05
N GLU A 115 14.42 -11.72 -5.33
CA GLU A 115 14.16 -13.11 -5.73
C GLU A 115 12.94 -13.24 -6.62
N ALA A 116 12.22 -12.15 -6.87
CA ALA A 116 11.01 -12.15 -7.70
C ALA A 116 11.39 -11.88 -9.16
N GLY A 117 11.41 -12.93 -9.96
CA GLY A 117 11.79 -12.81 -11.35
C GLY A 117 10.59 -12.75 -12.28
N ASP A 118 9.48 -13.35 -11.89
CA ASP A 118 8.31 -13.26 -12.73
C ASP A 118 7.73 -11.86 -12.58
N ALA A 119 7.20 -11.34 -13.67
CA ALA A 119 6.69 -9.98 -13.65
C ALA A 119 5.59 -9.82 -12.60
N GLU A 120 4.69 -10.80 -12.49
CA GLU A 120 3.57 -10.65 -11.57
C GLU A 120 4.04 -10.53 -10.12
N SER A 121 5.08 -11.28 -9.75
CA SER A 121 5.54 -11.19 -8.36
C SER A 121 6.34 -9.91 -8.16
N ARG A 122 7.23 -9.57 -9.08
CA ARG A 122 8.06 -8.38 -8.93
C ARG A 122 7.22 -7.11 -8.89
N VAL A 123 6.26 -7.00 -9.82
CA VAL A 123 5.35 -5.86 -9.82
C VAL A 123 4.57 -5.78 -8.51
N PHE A 124 4.07 -6.92 -8.01
CA PHE A 124 3.35 -6.93 -6.74
C PHE A 124 4.19 -6.31 -5.63
N TYR A 125 5.45 -6.73 -5.51
CA TYR A 125 6.29 -6.24 -4.41
C TYR A 125 6.71 -4.79 -4.61
N LEU A 126 6.95 -4.39 -5.86
CA LEU A 126 7.32 -3.00 -6.10
C LEU A 126 6.15 -2.06 -5.82
N LYS A 127 4.92 -2.49 -6.15
CA LYS A 127 3.74 -1.74 -5.73
C LYS A 127 3.74 -1.59 -4.22
N MET A 128 3.96 -2.68 -3.49
CA MET A 128 3.97 -2.57 -2.04
C MET A 128 5.05 -1.59 -1.57
N LYS A 129 6.23 -1.63 -2.20
CA LYS A 129 7.30 -0.73 -1.81
C LYS A 129 6.88 0.72 -2.03
N GLY A 130 6.24 1.03 -3.17
CA GLY A 130 5.69 2.36 -3.36
C GLY A 130 4.66 2.74 -2.32
N ASP A 131 3.75 1.81 -2.01
CA ASP A 131 2.72 2.10 -1.04
C ASP A 131 3.30 2.44 0.33
N TYR A 132 4.26 1.64 0.82
CA TYR A 132 4.77 1.84 2.18
C TYR A 132 5.66 3.06 2.26
N TYR A 133 6.39 3.40 1.19
CA TYR A 133 7.06 4.69 1.16
C TYR A 133 6.03 5.83 1.12
N ARG A 134 4.90 5.63 0.43
CA ARG A 134 3.86 6.63 0.41
C ARG A 134 3.30 6.87 1.81
N TYR A 135 3.11 5.80 2.58
CA TYR A 135 2.62 5.98 3.95
C TYR A 135 3.65 6.70 4.81
N LEU A 136 4.93 6.39 4.64
CA LEU A 136 5.97 7.19 5.30
C LEU A 136 5.90 8.65 4.87
N ALA A 137 5.64 8.89 3.59
CA ALA A 137 5.61 10.27 3.11
C ALA A 137 4.44 11.05 3.73
N GLU A 138 3.33 10.37 4.00
CA GLU A 138 2.16 11.05 4.55
C GLU A 138 2.48 11.70 5.89
N VAL A 139 3.43 11.15 6.66
CA VAL A 139 3.76 11.64 7.99
C VAL A 139 5.10 12.36 8.04
N ALA A 140 5.82 12.41 6.93
CA ALA A 140 7.18 12.92 6.94
C ALA A 140 7.21 14.44 6.92
N THR A 141 8.21 15.01 7.62
CA THR A 141 8.42 16.45 7.70
C THR A 141 9.87 16.90 7.76
N GLY A 142 10.86 16.00 7.69
CA GLY A 142 12.24 16.34 7.96
C GLY A 142 13.11 16.44 6.71
N ASP A 143 14.43 16.48 6.95
CA ASP A 143 15.39 16.58 5.86
C ASP A 143 15.19 15.46 4.83
N ASP A 144 14.53 14.37 5.21
CA ASP A 144 14.41 13.16 4.41
C ASP A 144 13.16 13.13 3.55
N LYS A 145 12.23 14.06 3.73
CA LYS A 145 10.90 13.94 3.13
C LYS A 145 10.98 13.81 1.61
N LYS A 146 11.73 14.69 0.95
CA LYS A 146 11.82 14.61 -0.49
C LYS A 146 12.36 13.26 -0.92
N ARG A 147 13.32 12.70 -0.16
CA ARG A 147 13.88 11.42 -0.52
C ARG A 147 12.87 10.30 -0.30
N ILE A 148 12.02 10.40 0.72
CA ILE A 148 10.98 9.40 0.92
C ILE A 148 9.99 9.41 -0.24
N ILE A 149 9.59 10.60 -0.66
CA ILE A 149 8.70 10.76 -1.80
C ILE A 149 9.34 10.18 -3.05
N ASP A 150 10.63 10.44 -3.25
CA ASP A 150 11.26 9.93 -4.46
C ASP A 150 11.40 8.41 -4.43
N SER A 151 11.59 7.84 -3.23
CA SER A 151 11.65 6.38 -3.12
C SER A 151 10.32 5.76 -3.49
N ALA A 152 9.22 6.37 -3.05
CA ALA A 152 7.91 5.88 -3.47
C ALA A 152 7.77 5.96 -4.99
N ARG A 153 8.07 7.13 -5.55
CA ARG A 153 7.96 7.33 -6.99
C ARG A 153 8.78 6.32 -7.76
N SER A 154 10.03 6.11 -7.34
CA SER A 154 10.92 5.21 -8.06
C SER A 154 10.40 3.79 -8.05
N ALA A 155 9.88 3.33 -6.91
CA ALA A 155 9.34 1.97 -6.84
C ALA A 155 8.10 1.84 -7.73
N TYR A 156 7.19 2.81 -7.64
CA TYR A 156 6.00 2.77 -8.48
C TYR A 156 6.37 2.82 -9.96
N GLN A 157 7.35 3.66 -10.32
CA GLN A 157 7.72 3.78 -11.72
C GLN A 157 8.29 2.49 -12.28
N GLU A 158 9.17 1.83 -11.52
CA GLU A 158 9.69 0.55 -11.99
C GLU A 158 8.57 -0.47 -12.14
N ALA A 159 7.64 -0.48 -11.19
CA ALA A 159 6.50 -1.38 -11.31
C ALA A 159 5.67 -1.08 -12.55
N MET A 160 5.46 0.20 -12.82
CA MET A 160 4.69 0.59 -14.01
C MET A 160 5.42 0.15 -15.26
N ASP A 161 6.74 0.37 -15.30
CA ASP A 161 7.48 0.01 -16.51
C ASP A 161 7.40 -1.49 -16.79
N ILE A 162 7.56 -2.32 -15.75
CA ILE A 162 7.47 -3.76 -15.95
C ILE A 162 6.06 -4.16 -16.34
N SER A 163 5.05 -3.60 -15.67
CA SER A 163 3.68 -4.02 -15.89
C SER A 163 3.23 -3.68 -17.31
N LYS A 164 3.67 -2.55 -17.85
CA LYS A 164 3.27 -2.18 -19.20
C LYS A 164 3.91 -3.11 -20.22
N LYS A 165 5.13 -3.59 -19.95
CA LYS A 165 5.76 -4.51 -20.89
C LYS A 165 5.26 -5.94 -20.76
N GLU A 166 4.89 -6.38 -19.55
CA GLU A 166 4.70 -7.80 -19.31
C GLU A 166 3.29 -8.24 -18.94
N MET A 167 2.35 -7.33 -18.70
CA MET A 167 1.02 -7.71 -18.27
C MET A 167 -0.04 -7.02 -19.11
N PRO A 168 -1.21 -7.64 -19.28
CA PRO A 168 -2.27 -6.96 -20.02
C PRO A 168 -2.82 -5.79 -19.23
N PRO A 169 -3.45 -4.82 -19.91
CA PRO A 169 -3.94 -3.62 -19.24
C PRO A 169 -5.06 -3.89 -18.25
N THR A 170 -5.67 -5.07 -18.27
CA THR A 170 -6.71 -5.43 -17.32
C THR A 170 -6.20 -6.21 -16.12
N ASN A 171 -4.91 -6.52 -16.05
CA ASN A 171 -4.41 -7.33 -14.94
C ASN A 171 -4.69 -6.59 -13.62
N PRO A 172 -5.28 -7.25 -12.62
CA PRO A 172 -5.64 -6.52 -11.40
C PRO A 172 -4.47 -5.89 -10.65
N ILE A 173 -3.29 -6.53 -10.67
CA ILE A 173 -2.12 -5.91 -10.02
C ILE A 173 -1.70 -4.65 -10.78
N ARG A 174 -1.65 -4.73 -12.11
CA ARG A 174 -1.35 -3.55 -12.91
C ARG A 174 -2.37 -2.44 -12.65
N LEU A 175 -3.65 -2.80 -12.60
CA LEU A 175 -4.68 -1.80 -12.37
C LEU A 175 -4.57 -1.18 -10.98
N GLY A 176 -4.37 -2.03 -9.96
CA GLY A 176 -4.26 -1.49 -8.60
C GLY A 176 -3.02 -0.65 -8.42
N LEU A 177 -1.92 -1.06 -9.04
CA LEU A 177 -0.70 -0.24 -9.07
C LEU A 177 -1.00 1.15 -9.61
N ALA A 178 -1.65 1.21 -10.79
CA ALA A 178 -1.92 2.48 -11.42
C ALA A 178 -2.87 3.33 -10.58
N LEU A 179 -3.91 2.70 -9.99
CA LEU A 179 -4.79 3.40 -9.07
C LEU A 179 -3.98 4.08 -7.97
N ASN A 180 -3.08 3.32 -7.33
CA ASN A 180 -2.35 3.84 -6.18
C ASN A 180 -1.31 4.86 -6.60
N PHE A 181 -0.64 4.65 -7.74
CA PHE A 181 0.35 5.64 -8.21
C PHE A 181 -0.35 6.95 -8.57
N SER A 182 -1.56 6.86 -9.14
CA SER A 182 -2.36 8.05 -9.38
C SER A 182 -2.67 8.79 -8.08
N VAL A 183 -3.02 8.06 -7.02
CA VAL A 183 -3.24 8.69 -5.71
C VAL A 183 -1.96 9.31 -5.18
N PHE A 184 -0.82 8.61 -5.30
CA PHE A 184 0.48 9.20 -4.99
C PHE A 184 0.63 10.57 -5.68
N HIS A 185 0.38 10.62 -6.99
CA HIS A 185 0.57 11.89 -7.69
C HIS A 185 -0.33 12.98 -7.12
N TYR A 186 -1.57 12.65 -6.82
CA TYR A 186 -2.52 13.67 -6.37
C TYR A 186 -2.21 14.14 -4.96
N GLU A 187 -2.02 13.21 -4.03
CA GLU A 187 -1.99 13.49 -2.60
C GLU A 187 -0.58 13.74 -2.09
N ILE A 188 0.45 13.17 -2.72
CA ILE A 188 1.82 13.22 -2.22
C ILE A 188 2.70 14.13 -3.06
N ALA A 189 2.66 13.96 -4.38
CA ALA A 189 3.55 14.69 -5.27
C ALA A 189 2.98 16.02 -5.72
N ASN A 190 1.76 16.34 -5.32
CA ASN A 190 1.13 17.61 -5.69
C ASN A 190 1.06 17.77 -7.20
N SER A 191 0.71 16.67 -7.88
CA SER A 191 0.65 16.59 -9.34
C SER A 191 -0.75 16.13 -9.72
N PRO A 192 -1.78 16.93 -9.46
CA PRO A 192 -3.16 16.47 -9.74
C PRO A 192 -3.41 16.16 -11.21
N GLU A 193 -2.83 16.91 -12.14
CA GLU A 193 -3.06 16.61 -13.55
C GLU A 193 -2.45 15.28 -13.94
N GLU A 194 -1.28 14.94 -13.38
CA GLU A 194 -0.68 13.64 -13.64
C GLU A 194 -1.55 12.52 -13.07
N ALA A 195 -2.12 12.74 -11.88
CA ALA A 195 -3.00 11.76 -11.28
C ALA A 195 -4.23 11.51 -12.14
N ILE A 196 -4.84 12.57 -12.65
CA ILE A 196 -6.04 12.47 -13.46
C ILE A 196 -5.73 11.81 -14.80
N SER A 197 -4.64 12.22 -15.44
CA SER A 197 -4.23 11.60 -16.68
C SER A 197 -3.99 10.12 -16.51
N LEU A 198 -3.27 9.73 -15.47
CA LEU A 198 -2.96 8.32 -15.29
C LEU A 198 -4.23 7.53 -15.04
N ALA A 199 -5.14 8.04 -14.21
CA ALA A 199 -6.37 7.30 -13.95
C ALA A 199 -7.19 7.14 -15.22
N LYS A 200 -7.27 8.19 -16.04
CA LYS A 200 -8.07 8.14 -17.25
C LYS A 200 -7.48 7.17 -18.26
N THR A 201 -6.19 7.28 -18.53
CA THR A 201 -5.55 6.38 -19.48
C THR A 201 -5.64 4.92 -19.02
N THR A 202 -5.44 4.68 -17.73
CA THR A 202 -5.55 3.32 -17.22
C THR A 202 -6.96 2.78 -17.42
N PHE A 203 -7.96 3.59 -17.08
CA PHE A 203 -9.35 3.17 -17.24
C PHE A 203 -9.65 2.83 -18.69
N ASP A 204 -9.23 3.69 -19.61
CA ASP A 204 -9.57 3.52 -21.02
C ASP A 204 -8.86 2.32 -21.63
N GLU A 205 -7.61 2.09 -21.24
CA GLU A 205 -6.91 0.93 -21.79
C GLU A 205 -7.48 -0.37 -21.21
N ALA A 206 -7.93 -0.35 -19.96
CA ALA A 206 -8.59 -1.54 -19.43
C ALA A 206 -9.92 -1.78 -20.13
N MET A 207 -10.72 -0.73 -20.31
CA MET A 207 -12.00 -0.86 -21.02
C MET A 207 -11.83 -1.58 -22.35
N ALA A 208 -10.80 -1.20 -23.10
CA ALA A 208 -10.59 -1.76 -24.43
C ALA A 208 -10.16 -3.21 -24.41
N ASP A 209 -9.76 -3.75 -23.25
CA ASP A 209 -9.27 -5.12 -23.15
C ASP A 209 -10.25 -6.03 -22.41
N LEU A 210 -11.36 -5.48 -21.91
CA LEU A 210 -12.34 -6.30 -21.19
C LEU A 210 -12.87 -7.45 -22.06
N HIS A 211 -12.95 -7.25 -23.38
CA HIS A 211 -13.56 -8.24 -24.27
C HIS A 211 -12.78 -9.54 -24.28
N THR A 212 -11.53 -9.53 -23.81
CA THR A 212 -10.70 -10.73 -23.82
C THR A 212 -10.91 -11.60 -22.60
N LEU A 213 -11.67 -11.12 -21.61
CA LEU A 213 -11.67 -11.71 -20.28
C LEU A 213 -12.85 -12.65 -20.06
N SER A 214 -12.61 -13.66 -19.23
CA SER A 214 -13.67 -14.46 -18.68
C SER A 214 -14.49 -13.65 -17.68
N GLU A 215 -15.66 -14.18 -17.32
CA GLU A 215 -16.56 -13.49 -16.41
C GLU A 215 -15.87 -13.22 -15.07
N ASP A 216 -15.06 -14.17 -14.61
CA ASP A 216 -14.42 -14.01 -13.30
C ASP A 216 -13.31 -12.95 -13.35
N SER A 217 -12.52 -12.92 -14.42
CA SER A 217 -11.49 -11.89 -14.55
C SER A 217 -12.13 -10.51 -14.76
N TYR A 218 -13.21 -10.48 -15.53
CA TYR A 218 -13.98 -9.27 -15.76
C TYR A 218 -14.44 -8.64 -14.46
N LYS A 219 -14.88 -9.46 -13.49
CA LYS A 219 -15.35 -8.92 -12.23
C LYS A 219 -14.24 -8.17 -11.51
N ASP A 220 -13.04 -8.76 -11.44
CA ASP A 220 -11.95 -8.10 -10.72
C ASP A 220 -11.51 -6.83 -11.43
N SER A 221 -11.35 -6.89 -12.76
CA SER A 221 -10.90 -5.72 -13.50
C SER A 221 -11.92 -4.58 -13.40
N THR A 222 -13.21 -4.89 -13.57
CA THR A 222 -14.20 -3.81 -13.53
C THR A 222 -14.33 -3.22 -12.12
N LEU A 223 -14.12 -4.02 -11.07
CA LEU A 223 -14.14 -3.45 -9.73
C LEU A 223 -13.09 -2.35 -9.60
N ILE A 224 -11.86 -2.62 -10.05
CA ILE A 224 -10.81 -1.61 -9.93
C ILE A 224 -11.06 -0.44 -10.85
N MET A 225 -11.62 -0.69 -12.04
CA MET A 225 -11.95 0.40 -12.93
C MET A 225 -12.95 1.34 -12.27
N GLN A 226 -13.90 0.79 -11.51
CA GLN A 226 -14.83 1.64 -10.81
C GLN A 226 -14.15 2.50 -9.75
N LEU A 227 -13.11 1.99 -9.11
CA LEU A 227 -12.36 2.81 -8.17
C LEU A 227 -11.61 3.94 -8.88
N LEU A 228 -11.04 3.66 -10.06
CA LEU A 228 -10.46 4.72 -10.87
C LEU A 228 -11.49 5.79 -11.19
N ARG A 229 -12.69 5.36 -11.63
CA ARG A 229 -13.75 6.32 -11.94
C ARG A 229 -14.15 7.11 -10.70
N ASP A 230 -14.24 6.43 -9.55
CA ASP A 230 -14.61 7.12 -8.31
C ASP A 230 -13.61 8.24 -8.01
N ASN A 231 -12.31 7.96 -8.16
CA ASN A 231 -11.31 8.98 -7.92
C ASN A 231 -11.43 10.10 -8.92
N LEU A 232 -11.61 9.77 -10.20
CA LEU A 232 -11.79 10.81 -11.22
C LEU A 232 -12.98 11.70 -10.87
N THR A 233 -14.07 11.10 -10.37
CA THR A 233 -15.24 11.89 -10.00
C THR A 233 -14.94 12.80 -8.81
N LEU A 234 -14.12 12.31 -7.87
CA LEU A 234 -13.73 13.13 -6.72
C LEU A 234 -12.84 14.30 -7.14
N TRP A 235 -12.06 14.12 -8.21
CA TRP A 235 -11.03 15.07 -8.59
C TRP A 235 -11.43 16.03 -9.70
N THR A 236 -12.61 15.84 -10.30
CA THR A 236 -13.03 16.62 -11.45
C THR A 236 -14.48 17.08 -11.31
N PHE B 1 -11.18 10.86 1.34
CA PHE B 1 -9.94 10.27 0.86
C PHE B 1 -10.18 9.41 -0.38
N PRO B 2 -9.21 9.39 -1.29
CA PRO B 2 -9.39 8.63 -2.53
C PRO B 2 -9.15 7.14 -2.32
N ALA B 3 -9.65 6.36 -3.26
CA ALA B 3 -9.52 4.93 -3.22
C ALA B 3 -8.14 4.41 -3.60
N TPO B 4 -7.65 3.46 -2.80
CA TPO B 4 -6.44 2.69 -3.11
CB TPO B 4 -5.23 3.22 -2.31
CG2 TPO B 4 -4.84 4.64 -2.72
OG1 TPO B 4 -5.61 3.18 -0.90
P TPO B 4 -4.51 3.41 0.26
O1P TPO B 4 -5.23 2.87 1.54
O2P TPO B 4 -4.25 4.84 0.37
O3P TPO B 4 -3.26 2.60 -0.03
C TPO B 4 -6.72 1.24 -2.75
O TPO B 4 -7.65 0.95 -1.98
N VAL B 5 -5.95 0.33 -3.33
CA VAL B 5 -6.13 -1.08 -3.07
C VAL B 5 -4.84 -1.75 -2.68
MG MG C . 2.16 8.62 -19.12
MG MG D . 7.89 11.95 14.33
C15 O6C E . -2.35 -11.94 -5.15
C16 O6C E . -1.31 -11.94 -6.23
C13 O6C E . -5.69 -10.16 -5.82
C17 O6C E . -6.52 -10.13 -4.54
C11 O6C E . -7.44 -8.72 -6.87
C10 O6C E . -8.86 -7.59 -5.11
C2 O6C E . -9.07 -6.37 -5.98
C1 O6C E . -10.08 -6.71 -7.09
C6 O6C E . -5.13 -5.84 -4.25
C5 O6C E . -6.43 -5.97 -4.73
C4 O6C E . -6.70 -5.74 -6.07
C3 O6C E . -9.60 -5.22 -5.13
C14 O6C E . -4.22 -10.34 -5.44
C8 O6C E . -4.38 -5.28 -6.45
C7 O6C E . -4.12 -5.51 -5.12
C18 O6C E . -7.99 -9.86 -4.79
C12 O6C E . -5.95 -8.91 -6.64
C9 O6C E . -5.66 -5.41 -6.93
N1 O6C E . -8.16 -8.65 -5.59
N2 O6C E . -3.65 -11.54 -5.66
O1 O6C E . -7.93 -5.86 -6.69
O2 O6C E . -9.30 -7.58 -3.97
O3 O6C E . -3.58 -9.46 -4.88
S1 O6C E . -1.64 -13.09 -7.58
CL1 O6C E . -2.50 -5.36 -4.53
H17 O6C E . -2.42 -12.84 -4.77
H18 O6C E . -2.08 -11.34 -4.42
H20 O6C E . -1.25 -11.04 -6.60
H19 O6C E . -0.44 -12.15 -5.84
H15 O6C E . -5.94 -10.93 -6.40
H23 O6C E . -6.43 -10.98 -4.06
H22 O6C E . -6.18 -9.42 -3.95
H12 O6C E . -7.79 -9.46 -7.41
H11 O6C E . -7.60 -7.89 -7.38
H2 O6C E . -10.20 -5.94 -7.67
H1 O6C E . -10.93 -6.95 -6.68
H3 O6C E . -9.74 -7.46 -7.61
H8 O6C E . -4.95 -5.98 -3.34
H7 O6C E . -7.13 -6.20 -4.14
H6 O6C E . -9.71 -4.43 -5.70
H5 O6C E . -8.96 -5.01 -4.43
H4 O6C E . -10.46 -5.46 -4.75
H9 O6C E . -3.68 -5.03 -7.03
H24 O6C E . -8.38 -10.62 -5.26
H25 O6C E . -8.46 -9.76 -3.94
H13 O6C E . -5.60 -8.12 -6.16
H14 O6C E . -5.49 -8.96 -7.50
H10 O6C E . -5.83 -5.26 -7.85
H16 O6C E . -4.11 -12.11 -6.15
#